data_1W7Q
#
_entry.id   1W7Q
#
_cell.length_a   83.544
_cell.length_b   83.544
_cell.length_c   35.734
_cell.angle_alpha   90.00
_cell.angle_beta   90.00
_cell.angle_gamma   120.00
#
_symmetry.space_group_name_H-M   'P 65'
#
loop_
_entity.id
_entity.type
_entity.pdbx_description
1 polymer FEGLYMYCIN
2 non-polymer ETHANOL
3 non-polymer 1,2-ETHANEDIOL
4 water water
#
_entity_poly.entity_id   1
_entity_poly.type   'polypeptide(L)'
_entity_poly.pdbx_seq_one_letter_code
;(GHP)(D3P)V(D3P)(D4P)(D3P)(D4P)(D3P)V(D3P)(D4P)FD
;
_entity_poly.pdbx_strand_id   A,B,C,D,E,F
#
loop_
_chem_comp.id
_chem_comp.type
_chem_comp.name
_chem_comp.formula
EDO non-polymer 1,2-ETHANEDIOL 'C2 H6 O2'
EOH non-polymer ETHANOL 'C2 H6 O'
#
# COMPACT_ATOMS: atom_id res chain seq x y z
N GHP A 1 -6.75 27.60 -7.35
CA GHP A 1 -5.91 26.42 -7.62
C GHP A 1 -5.37 26.52 -9.02
O GHP A 1 -5.39 27.60 -9.65
C1 GHP A 1 -4.82 26.25 -6.61
C2 GHP A 1 -4.91 25.15 -5.75
C3 GHP A 1 -3.85 25.05 -4.85
C4 GHP A 1 -2.86 26.01 -4.80
O4 GHP A 1 -1.87 25.84 -3.89
C5 GHP A 1 -2.72 27.09 -5.65
C6 GHP A 1 -3.80 27.17 -6.55
N D3P A 2 -4.88 25.42 -9.59
CA D3P A 2 -4.54 25.41 -11.03
C D3P A 2 -3.53 24.27 -11.33
O D3P A 2 -3.57 23.18 -10.67
C1 D3P A 2 -5.74 25.17 -11.87
C2 D3P A 2 -6.86 24.46 -11.42
C3 D3P A 2 -7.93 24.25 -12.29
O3 D3P A 2 -9.03 23.59 -11.87
C4 D3P A 2 -8.01 24.73 -13.61
C5 D3P A 2 -6.88 25.51 -14.03
O5 D3P A 2 -6.85 26.02 -15.28
C6 D3P A 2 -5.82 25.71 -13.15
N VAL A 3 -2.71 24.47 -12.35
CA VAL A 3 -2.04 23.35 -12.98
C VAL A 3 -0.53 23.61 -12.94
N D3P A 4 0.24 22.60 -12.47
CA D3P A 4 1.67 22.74 -12.38
C D3P A 4 2.15 21.77 -11.28
O D3P A 4 1.65 20.67 -11.16
C1 D3P A 4 2.40 22.31 -13.61
C2 D3P A 4 1.94 21.30 -14.40
C3 D3P A 4 2.68 20.97 -15.52
O3 D3P A 4 2.30 19.93 -16.36
C4 D3P A 4 3.91 21.59 -15.80
C5 D3P A 4 4.34 22.69 -15.01
O5 D3P A 4 5.51 23.24 -15.38
C6 D3P A 4 3.59 22.97 -13.89
N D4P A 5 3.18 22.20 -10.57
CA D4P A 5 3.94 21.37 -9.61
C D4P A 5 3.83 22.04 -8.25
O D4P A 5 4.18 23.24 -8.12
C1 D4P A 5 5.35 21.18 -10.08
C2 D4P A 5 6.11 20.21 -9.53
C3 D4P A 5 7.42 20.03 -9.93
C4 D4P A 5 8.03 20.81 -10.89
O4 D4P A 5 9.31 20.55 -11.35
C5 D4P A 5 7.28 21.79 -11.51
C6 D4P A 5 5.98 21.97 -11.07
N D3P A 6 3.38 21.33 -7.23
CA D3P A 6 3.25 21.90 -5.90
C D3P A 6 2.46 20.90 -5.06
O D3P A 6 2.63 19.66 -5.24
C1 D3P A 6 4.54 22.12 -5.16
C2 D3P A 6 5.52 21.20 -5.23
C3 D3P A 6 6.70 21.40 -4.56
O3 D3P A 6 7.74 20.46 -4.63
C4 D3P A 6 6.84 22.53 -3.82
C5 D3P A 6 5.82 23.53 -3.81
O5 D3P A 6 5.98 24.67 -3.05
C6 D3P A 6 4.61 23.30 -4.46
N D4P A 7 1.72 21.39 -4.09
CA D4P A 7 1.28 20.52 -2.97
C D4P A 7 -0.10 20.97 -2.57
O D4P A 7 -0.30 22.20 -2.43
C1 D4P A 7 2.23 20.47 -1.76
C2 D4P A 7 2.20 19.46 -0.86
C3 D4P A 7 3.06 19.47 0.24
C4 D4P A 7 3.97 20.50 0.38
O4 D4P A 7 4.87 20.49 1.40
C5 D4P A 7 4.01 21.56 -0.51
C6 D4P A 7 3.13 21.54 -1.59
N D3P A 8 -0.97 20.03 -2.36
CA D3P A 8 -2.31 20.35 -1.90
C D3P A 8 -3.25 19.18 -2.35
O D3P A 8 -2.85 18.02 -2.26
C1 D3P A 8 -2.48 20.50 -0.44
C2 D3P A 8 -1.62 19.90 0.45
C3 D3P A 8 -1.83 20.03 1.79
O3 D3P A 8 -0.98 19.44 2.69
C4 D3P A 8 -2.87 20.76 2.37
C5 D3P A 8 -3.69 21.46 1.46
O5 D3P A 8 -4.74 22.07 2.05
C6 D3P A 8 -3.51 21.29 0.09
N VAL A 9 -4.46 19.56 -2.76
CA VAL A 9 -5.52 18.59 -3.00
C VAL A 9 -5.87 18.63 -4.48
N D3P A 10 -5.87 17.46 -5.14
CA D3P A 10 -6.34 17.43 -6.53
C D3P A 10 -5.81 16.12 -7.18
O D3P A 10 -5.83 15.09 -6.49
C1 D3P A 10 -7.84 17.47 -6.67
C2 D3P A 10 -8.45 18.31 -7.54
C3 D3P A 10 -9.85 18.27 -7.59
O3 D3P A 10 -10.43 19.12 -8.46
C4 D3P A 10 -10.58 17.36 -6.83
C5 D3P A 10 -9.94 16.52 -5.89
O5 D3P A 10 -10.72 15.67 -5.10
C6 D3P A 10 -8.56 16.63 -5.84
N D4P A 11 -5.37 16.17 -8.42
CA D4P A 11 -4.92 14.96 -9.19
C D4P A 11 -3.49 15.22 -9.61
O D4P A 11 -3.22 16.21 -10.35
C1 D4P A 11 -5.82 14.71 -10.36
C2 D4P A 11 -6.20 13.45 -10.69
C3 D4P A 11 -7.00 13.16 -11.76
C4 D4P A 11 -7.52 14.19 -12.51
O4 D4P A 11 -8.34 13.95 -13.59
C5 D4P A 11 -7.06 15.49 -12.26
C6 D4P A 11 -6.27 15.77 -11.15
N PHE A 12 -2.57 14.40 -9.13
CA PHE A 12 -1.15 14.73 -9.39
C PHE A 12 -0.31 13.48 -9.34
N ASP A 13 0.89 13.51 -9.84
CA ASP A 13 1.69 12.32 -9.88
C ASP A 13 3.16 12.73 -9.64
N GHP B 1 0.70 8.66 -8.87
CA GHP B 1 -0.11 9.46 -7.90
C GHP B 1 -1.56 9.17 -8.14
O GHP B 1 -1.93 8.04 -8.46
C1 GHP B 1 0.38 9.18 -6.50
C2 GHP B 1 0.33 7.88 -6.01
C3 GHP B 1 0.78 7.62 -4.78
C4 GHP B 1 1.30 8.62 -3.96
O4 GHP B 1 1.71 8.45 -2.67
C5 GHP B 1 1.34 9.93 -4.43
C6 GHP B 1 0.89 10.14 -5.71
N D3P B 2 -2.37 10.16 -7.93
CA D3P B 2 -3.80 10.03 -8.20
C D3P B 2 -4.51 11.22 -7.54
O D3P B 2 -4.01 12.35 -7.46
C1 D3P B 2 -4.15 10.05 -9.66
C2 D3P B 2 -3.33 10.68 -10.60
C3 D3P B 2 -3.67 10.71 -11.92
O3 D3P B 2 -2.94 11.35 -12.89
C4 D3P B 2 -4.82 10.05 -12.39
C5 D3P B 2 -5.64 9.48 -11.43
O5 D3P B 2 -6.82 8.95 -11.91
C6 D3P B 2 -5.28 9.44 -10.10
N VAL B 3 -5.74 10.95 -7.09
CA VAL B 3 -6.70 11.89 -6.52
C VAL B 3 -6.53 11.84 -5.00
N D3P B 4 -6.13 12.97 -4.45
CA D3P B 4 -5.91 12.95 -2.97
C D3P B 4 -5.09 14.21 -2.57
O D3P B 4 -5.26 15.25 -3.22
C1 D3P B 4 -7.21 12.94 -2.22
C2 D3P B 4 -7.39 12.10 -1.16
C3 D3P B 4 -8.64 12.23 -0.53
O3 D3P B 4 -8.90 11.38 0.53
C4 D3P B 4 -9.66 13.09 -0.91
C5 D3P B 4 -9.45 13.92 -2.01
O5 D3P B 4 -10.46 14.76 -2.40
C6 D3P B 4 -8.22 13.81 -2.61
N D4P B 5 -4.41 14.08 -1.49
CA D4P B 5 -3.63 15.19 -0.94
C D4P B 5 -2.16 14.78 -0.92
O D4P B 5 -1.91 13.66 -0.44
C1 D4P B 5 -3.96 15.57 0.49
C2 D4P B 5 -3.72 16.85 0.91
C3 D4P B 5 -3.99 17.27 2.20
C4 D4P B 5 -4.55 16.43 3.11
O4 D4P B 5 -4.80 16.85 4.39
C5 D4P B 5 -4.80 15.14 2.71
C6 D4P B 5 -4.53 14.67 1.39
N D3P B 6 -1.31 15.67 -1.40
CA D3P B 6 0.12 15.34 -1.45
C D3P B 6 0.75 16.27 -2.50
O D3P B 6 0.26 17.39 -2.66
C1 D3P B 6 0.86 15.57 -0.14
C2 D3P B 6 0.57 16.56 0.75
C3 D3P B 6 1.28 16.68 1.91
O3 D3P B 6 1.01 17.69 2.79
C4 D3P B 6 2.36 15.85 2.28
C5 D3P B 6 2.65 14.87 1.28
O5 D3P B 6 3.60 14.02 1.58
C6 D3P B 6 1.89 14.67 0.18
N D4P B 7 1.84 15.81 -3.04
CA D4P B 7 2.76 16.74 -3.73
C D4P B 7 3.15 16.09 -5.05
O D4P B 7 3.52 14.85 -5.08
C1 D4P B 7 4.02 17.10 -2.92
C2 D4P B 7 4.80 18.20 -3.18
C3 D4P B 7 5.93 18.58 -2.48
C4 D4P B 7 6.28 17.77 -1.42
O4 D4P B 7 7.43 18.04 -0.71
C5 D4P B 7 5.53 16.63 -1.14
C6 D4P B 7 4.40 16.29 -1.85
N D3P B 8 3.17 16.84 -6.13
CA D3P B 8 3.69 16.37 -7.42
C D3P B 8 3.16 17.36 -8.51
O D3P B 8 2.97 18.56 -8.23
C1 D3P B 8 5.19 16.41 -7.49
C2 D3P B 8 5.83 15.45 -8.24
C3 D3P B 8 7.17 15.50 -8.32
O3 D3P B 8 7.81 14.51 -9.05
C4 D3P B 8 7.92 16.47 -7.65
C5 D3P B 8 7.28 17.44 -6.86
O5 D3P B 8 7.95 18.41 -6.18
C6 D3P B 8 5.89 17.34 -6.76
N VAL B 9 2.99 16.80 -9.70
CA VAL B 9 2.64 17.51 -10.91
C VAL B 9 1.22 17.22 -11.31
N D3P B 10 0.36 18.18 -11.49
CA D3P B 10 -1.06 17.90 -11.89
C D3P B 10 -1.88 19.18 -11.65
O D3P B 10 -1.33 20.28 -11.83
C1 D3P B 10 -1.21 17.50 -13.31
C2 D3P B 10 -2.04 16.43 -13.68
C3 D3P B 10 -2.11 16.14 -15.04
O3 D3P B 10 -2.92 15.13 -15.51
C4 D3P B 10 -1.35 16.76 -16.04
C5 D3P B 10 -0.59 17.86 -15.62
O5 D3P B 10 -0.02 18.56 -16.60
C6 D3P B 10 -0.54 18.20 -14.26
N D4P B 11 -3.13 18.89 -11.32
CA D4P B 11 -4.13 19.89 -11.12
C D4P B 11 -4.54 19.93 -9.64
O D4P B 11 -4.87 18.84 -9.14
C1 D4P B 11 -5.29 19.81 -12.06
C2 D4P B 11 -6.43 20.61 -11.91
C3 D4P B 11 -7.52 20.59 -12.72
C4 D4P B 11 -7.51 19.71 -13.77
O4 D4P B 11 -8.57 19.70 -14.65
C5 D4P B 11 -6.41 18.94 -13.98
C6 D4P B 11 -5.33 18.94 -13.11
N PHE B 12 -4.50 21.06 -9.00
CA PHE B 12 -4.83 21.26 -7.60
C PHE B 12 -5.99 22.23 -7.48
N ASP B 13 -6.95 21.92 -6.65
CA ASP B 13 -8.11 22.83 -6.45
C ASP B 13 -8.46 23.00 -4.99
N GHP C 1 -5.69 8.60 -2.94
CA GHP C 1 -4.41 7.96 -3.39
C GHP C 1 -4.45 7.59 -4.84
O GHP C 1 -5.06 8.31 -5.73
C1 GHP C 1 -3.33 8.98 -3.08
C2 GHP C 1 -2.44 8.76 -2.00
C3 GHP C 1 -1.44 9.68 -1.73
C4 GHP C 1 -1.39 10.87 -2.42
O4 GHP C 1 -0.38 11.75 -2.27
C5 GHP C 1 -2.26 11.07 -3.52
C6 GHP C 1 -3.18 10.10 -3.87
N D3P C 2 -3.81 6.49 -5.19
CA D3P C 2 -3.74 6.14 -6.61
C D3P C 2 -2.58 5.09 -6.77
O D3P C 2 -2.45 4.29 -5.84
C1 D3P C 2 -5.01 5.52 -7.12
C2 D3P C 2 -5.84 4.94 -6.22
C3 D3P C 2 -7.01 4.39 -6.72
O3 D3P C 2 -7.86 3.77 -5.83
C4 D3P C 2 -7.33 4.39 -8.07
C5 D3P C 2 -6.44 5.02 -8.98
O5 D3P C 2 -6.64 5.06 -10.33
C6 D3P C 2 -5.28 5.57 -8.46
N VAL C 3 -1.94 5.12 -7.91
CA VAL C 3 -0.92 4.16 -8.23
C VAL C 3 0.43 4.82 -8.06
N D3P C 4 1.26 4.21 -7.19
CA D3P C 4 2.61 4.75 -6.99
C D3P C 4 3.18 4.19 -5.67
O D3P C 4 2.92 3.04 -5.43
C1 D3P C 4 3.54 4.40 -8.15
C2 D3P C 4 3.56 3.11 -8.62
C3 D3P C 4 4.36 2.75 -9.69
O3 D3P C 4 4.40 1.45 -10.10
C4 D3P C 4 5.18 3.69 -10.25
C5 D3P C 4 5.18 5.00 -9.76
O5 D3P C 4 5.98 5.91 -10.37
C6 D3P C 4 4.41 5.31 -8.69
N D4P C 5 3.91 5.03 -4.97
CA D4P C 5 4.58 4.59 -3.75
C D4P C 5 3.93 5.35 -2.60
O D4P C 5 3.61 6.54 -2.81
C1 D4P C 5 6.04 4.92 -3.62
C2 D4P C 5 6.83 4.17 -2.78
C3 D4P C 5 8.19 4.48 -2.65
C4 D4P C 5 8.70 5.54 -3.34
O4 D4P C 5 10.01 5.87 -3.21
C5 D4P C 5 7.93 6.29 -4.21
C6 D4P C 5 6.55 5.97 -4.36
N D3P C 6 3.69 4.74 -1.48
CA D3P C 6 3.15 5.44 -0.32
C D3P C 6 2.48 4.41 0.62
O D3P C 6 2.93 3.25 0.65
C1 D3P C 6 4.15 6.14 0.55
C2 D3P C 6 5.30 5.47 0.92
C3 D3P C 6 6.22 6.12 1.75
O3 D3P C 6 7.32 5.38 2.07
C4 D3P C 6 6.09 7.40 2.23
C5 D3P C 6 4.90 8.05 1.78
O5 D3P C 6 4.68 9.30 2.23
C6 D3P C 6 3.93 7.43 0.99
N D4P C 7 1.50 4.83 1.40
CA D4P C 7 1.01 4.05 2.57
C D4P C 7 -0.47 4.22 2.71
O D4P C 7 -0.95 5.38 2.60
C1 D4P C 7 1.69 4.48 3.88
C2 D4P C 7 1.75 3.58 4.97
C3 D4P C 7 2.41 4.11 6.07
C4 D4P C 7 2.94 5.35 6.12
O4 D4P C 7 3.56 5.85 7.26
C5 D4P C 7 2.91 6.25 5.07
C6 D4P C 7 2.26 5.75 3.97
N D3P C 8 -1.17 3.16 3.03
CA D3P C 8 -2.61 3.21 3.31
C D3P C 8 -3.20 1.79 3.02
O D3P C 8 -2.59 0.78 3.40
C1 D3P C 8 -2.96 3.64 4.69
C2 D3P C 8 -2.22 3.28 5.78
C3 D3P C 8 -2.61 3.70 7.04
O3 D3P C 8 -1.82 3.34 8.07
C4 D3P C 8 -3.75 4.50 7.25
C5 D3P C 8 -4.48 4.85 6.07
O5 D3P C 8 -5.55 5.67 6.25
C6 D3P C 8 -4.11 4.41 4.83
N VAL C 9 -4.36 1.78 2.41
CA VAL C 9 -5.16 0.58 2.22
C VAL C 9 -5.32 0.43 0.70
N D3P C 10 -4.96 -0.80 0.28
CA D3P C 10 -5.06 -1.18 -1.15
C D3P C 10 -4.29 -2.48 -1.43
O D3P C 10 -4.27 -3.41 -0.60
C1 D3P C 10 -6.56 -1.20 -1.38
C2 D3P C 10 -7.38 -2.04 -0.74
C3 D3P C 10 -8.77 -2.02 -0.97
O3 D3P C 10 -9.62 -2.90 -0.31
C4 D3P C 10 -9.35 -1.19 -1.90
C5 D3P C 10 -8.48 -0.23 -2.46
O5 D3P C 10 -8.96 0.63 -3.42
C6 D3P C 10 -7.11 -0.29 -2.29
N D4P C 11 -3.62 -2.46 -2.55
CA D4P C 11 -2.80 -3.63 -2.93
C D4P C 11 -1.38 -3.13 -3.18
O D4P C 11 -1.27 -2.17 -4.01
C1 D4P C 11 -3.37 -4.37 -4.12
C2 D4P C 11 -4.14 -3.74 -5.06
C3 D4P C 11 -4.72 -4.42 -6.13
C4 D4P C 11 -4.41 -5.76 -6.28
O4 D4P C 11 -4.87 -6.42 -7.38
C5 D4P C 11 -3.68 -6.41 -5.34
C6 D4P C 11 -3.10 -5.73 -4.26
N PHE C 12 -0.40 -3.70 -2.53
CA PHE C 12 1.02 -3.45 -2.59
C PHE C 12 1.93 -4.59 -3.03
N ASP C 13 2.86 -4.41 -3.97
CA ASP C 13 3.68 -5.42 -4.59
C ASP C 13 4.60 -6.20 -3.64
N GHP D 1 8.53 -24.81 9.00
CA GHP D 1 7.39 -23.79 8.97
C GHP D 1 6.12 -24.53 9.25
O GHP D 1 6.11 -25.71 9.76
C1 GHP D 1 7.86 -22.64 9.80
C2 GHP D 1 8.19 -21.42 9.27
C3 GHP D 1 8.56 -20.34 10.05
C4 GHP D 1 8.74 -20.58 11.38
O4 GHP D 1 9.27 -19.59 12.18
C5 GHP D 1 8.36 -21.78 11.95
C6 GHP D 1 7.88 -22.83 11.18
N D3P D 2 5.01 -23.89 8.97
CA D3P D 2 3.71 -24.57 8.98
C D3P D 2 2.57 -23.50 9.05
O D3P D 2 2.82 -22.43 8.54
C1 D3P D 2 3.44 -25.41 7.77
C2 D3P D 2 4.04 -25.10 6.58
C3 D3P D 2 3.75 -25.88 5.47
O3 D3P D 2 4.37 -25.59 4.27
C4 D3P D 2 2.90 -27.01 5.53
C5 D3P D 2 2.34 -27.26 6.82
O5 D3P D 2 1.49 -28.32 6.89
C6 D3P D 2 2.55 -26.47 7.90
N VAL D 3 1.46 -23.91 9.64
CA VAL D 3 0.21 -23.19 9.55
C VAL D 3 -0.25 -22.76 10.91
N D3P D 4 -0.66 -21.47 10.97
N D3P D 4 -0.73 -21.51 11.01
CA D3P D 4 -1.20 -20.89 12.20
CA D3P D 4 -1.16 -21.00 12.34
C D3P D 4 -0.96 -19.34 12.14
C D3P D 4 -0.79 -19.48 12.41
O D3P D 4 -1.14 -18.69 11.10
O D3P D 4 -0.80 -18.84 11.35
C1 D3P D 4 -2.65 -21.08 12.46
C1 D3P D 4 -2.63 -21.02 12.62
C2 D3P D 4 -3.51 -21.08 11.40
C2 D3P D 4 -3.48 -20.87 11.56
C3 D3P D 4 -4.88 -21.24 11.61
C3 D3P D 4 -4.85 -20.89 11.79
O3 D3P D 4 -5.68 -21.24 10.52
O3 D3P D 4 -5.63 -20.72 10.68
C4 D3P D 4 -5.39 -21.40 12.88
C4 D3P D 4 -5.40 -20.99 13.05
C5 D3P D 4 -4.45 -21.47 13.95
C5 D3P D 4 -4.48 -21.16 14.13
O5 D3P D 4 -4.92 -21.68 15.21
O5 D3P D 4 -4.99 -21.31 15.38
C6 D3P D 4 -3.12 -21.23 13.75
C6 D3P D 4 -3.12 -21.15 13.92
N D4P D 5 -0.60 -18.83 13.32
N D4P D 5 -0.55 -19.02 13.63
CA D4P D 5 -0.47 -17.39 13.49
CA D4P D 5 -0.48 -17.53 13.73
C D4P D 5 0.89 -17.05 14.04
C D4P D 5 0.87 -17.15 14.29
O D4P D 5 1.37 -17.70 14.99
O D4P D 5 1.11 -17.51 15.51
C1 D4P D 5 -1.50 -16.76 14.39
C1 D4P D 5 -1.65 -17.00 14.54
C2 D4P D 5 -1.71 -15.39 14.33
C2 D4P D 5 -2.56 -17.91 15.04
C3 D4P D 5 -2.64 -14.77 15.14
C3 D4P D 5 -3.65 -17.44 15.77
C4 D4P D 5 -3.36 -15.56 15.99
C4 D4P D 5 -3.78 -16.08 16.01
O4 D4P D 5 -4.27 -14.99 16.83
O4 D4P D 5 -4.87 -15.71 16.77
C5 D4P D 5 -3.14 -16.92 16.04
C5 D4P D 5 -2.87 -15.17 15.51
C6 D4P D 5 -2.18 -17.55 15.27
C6 D4P D 5 -1.79 -15.65 14.77
N D3P D 6 1.48 -16.04 13.41
N D3P D 6 1.70 -16.50 13.52
CA D3P D 6 2.86 -15.80 13.80
CA D3P D 6 3.01 -15.99 13.98
C D3P D 6 3.53 -14.93 12.71
C D3P D 6 3.54 -15.05 12.83
O D3P D 6 2.85 -14.13 12.09
O D3P D 6 2.68 -14.36 12.26
C1 D3P D 6 3.08 -14.98 15.03
C1 D3P D 6 3.02 -15.24 15.27
C2 D3P D 6 2.14 -14.02 15.29
C2 D3P D 6 2.02 -14.35 15.55
C3 D3P D 6 2.35 -13.27 16.42
C3 D3P D 6 2.06 -13.66 16.75
O3 D3P D 6 1.44 -12.29 16.78
O3 D3P D 6 1.02 -12.77 16.98
C4 D3P D 6 3.47 -13.45 17.24
C4 D3P D 6 3.06 -13.82 17.70
C5 D3P D 6 4.39 -14.49 16.95
C5 D3P D 6 4.10 -14.75 17.38
O5 D3P D 6 5.48 -14.65 17.73
O5 D3P D 6 5.09 -14.92 18.28
C6 D3P D 6 4.20 -15.21 15.78
C6 D3P D 6 4.06 -15.44 16.17
N D4P D 7 4.83 -15.08 12.66
CA D4P D 7 5.57 -14.08 11.85
C D4P D 7 6.70 -14.71 11.09
O D4P D 7 7.38 -15.61 11.60
C1 D4P D 7 6.07 -12.96 12.78
C2 D4P D 7 6.35 -11.70 12.27
C3 D4P D 7 6.86 -10.67 13.08
C4 D4P D 7 7.02 -10.87 14.43
O4 D4P D 7 7.44 -9.83 15.22
C5 D4P D 7 6.75 -12.12 14.94
C6 D4P D 7 6.26 -13.17 14.15
N D3P D 8 6.92 -14.31 9.86
CA D3P D 8 7.96 -14.82 8.98
C D3P D 8 7.52 -14.53 7.53
O D3P D 8 6.93 -13.49 7.25
C1 D3P D 8 9.31 -14.17 9.15
C2 D3P D 8 9.42 -12.87 9.62
C3 D3P D 8 10.67 -12.31 9.78
O3 D3P D 8 10.81 -11.02 10.20
C4 D3P D 8 11.85 -13.04 9.45
C5 D3P D 8 11.66 -14.35 8.96
O5 D3P D 8 12.76 -15.07 8.66
C6 D3P D 8 10.42 -14.97 8.84
N VAL D 9 7.89 -15.45 6.67
CA VAL D 9 7.64 -15.41 5.25
C VAL D 9 6.67 -16.51 4.86
N D3P D 10 5.70 -16.14 4.03
CA D3P D 10 4.71 -17.09 3.50
C D3P D 10 3.51 -16.30 3.03
O D3P D 10 3.64 -15.19 2.45
C1 D3P D 10 5.24 -17.87 2.33
C2 D3P D 10 5.23 -19.20 2.33
C3 D3P D 10 5.72 -19.87 1.18
O3 D3P D 10 5.76 -21.23 1.16
C4 D3P D 10 6.23 -19.20 0.06
C5 D3P D 10 6.27 -17.78 0.18
O5 D3P D 10 6.74 -17.02 -0.86
C6 D3P D 10 5.72 -17.16 1.25
N D4P D 11 2.38 -16.89 3.17
CA D4P D 11 1.08 -16.33 2.78
C D4P D 11 0.27 -16.19 4.04
O D4P D 11 -0.05 -17.24 4.66
C1 D4P D 11 0.39 -17.22 1.75
C2 D4P D 11 -0.23 -16.70 0.63
C3 D4P D 11 -0.86 -17.49 -0.33
C4 D4P D 11 -0.87 -18.86 -0.14
O4 D4P D 11 -1.52 -19.58 -1.12
C5 D4P D 11 -0.29 -19.42 0.97
C6 D4P D 11 0.35 -18.61 1.90
N PHE D 12 -0.15 -15.00 4.38
CA PHE D 12 -0.86 -14.76 5.58
C PHE D 12 -1.67 -13.48 5.47
N ASP D 13 -2.60 -13.36 6.39
CA ASP D 13 -3.44 -12.21 6.52
C ASP D 13 -3.60 -11.79 7.96
N GHP E 1 -3.75 -9.50 3.58
CA GHP E 1 -2.27 -9.80 3.54
C GHP E 1 -1.93 -10.36 2.21
O GHP E 1 -2.54 -9.93 1.21
C1 GHP E 1 -1.49 -8.58 3.98
C2 GHP E 1 -1.47 -7.38 3.28
C3 GHP E 1 -0.74 -6.31 3.71
C4 GHP E 1 0.04 -6.41 4.87
O4 GHP E 1 0.67 -5.33 5.49
C5 GHP E 1 0.02 -7.60 5.61
C6 GHP E 1 -0.75 -8.67 5.14
N D3P E 2 -0.94 -11.24 2.18
CA D3P E 2 -0.59 -11.86 0.89
C D3P E 2 0.72 -12.63 1.02
O D3P E 2 0.95 -13.11 2.13
C1 D3P E 2 -1.58 -12.93 0.45
C2 D3P E 2 -2.42 -13.54 1.38
C3 D3P E 2 -3.30 -14.52 0.99
O3 D3P E 2 -4.19 -15.11 1.90
C4 D3P E 2 -3.37 -14.90 -0.34
C5 D3P E 2 -2.56 -14.28 -1.32
O5 D3P E 2 -2.59 -14.56 -2.64
C6 D3P E 2 -1.65 -13.29 -0.88
N VAL E 3 1.45 -12.69 -0.05
CA VAL E 3 2.72 -13.40 -0.06
C VAL E 3 3.81 -12.41 0.29
N D3P E 4 4.54 -12.67 1.36
CA D3P E 4 5.68 -11.82 1.70
C D3P E 4 6.13 -12.10 3.16
O D3P E 4 6.07 -13.24 3.60
C1 D3P E 4 6.86 -12.00 0.83
C2 D3P E 4 7.64 -10.88 0.54
C3 D3P E 4 8.73 -11.05 -0.29
O3 D3P E 4 9.58 -10.01 -0.60
C4 D3P E 4 9.04 -12.31 -0.77
C5 D3P E 4 8.27 -13.42 -0.44
O5 D3P E 4 8.59 -14.61 -0.99
C6 D3P E 4 7.12 -13.28 0.34
N D4P E 5 6.61 -11.07 3.81
CA D4P E 5 7.21 -11.28 5.15
C D4P E 5 6.39 -10.36 6.05
O D4P E 5 6.10 -9.16 5.72
C1 D4P E 5 8.66 -10.90 5.21
C2 D4P E 5 9.38 -11.07 6.37
C3 D4P E 5 10.73 -10.73 6.54
C4 D4P E 5 11.34 -10.22 5.43
O4 D4P E 5 12.65 -9.81 5.45
C5 D4P E 5 10.68 -10.05 4.25
C6 D4P E 5 9.32 -10.36 4.13
N D3P E 6 6.00 -10.81 7.20
CA D3P E 6 5.21 -10.00 8.14
C D3P E 6 4.56 -10.98 9.18
O D3P E 6 5.02 -12.09 9.44
C1 D3P E 6 6.00 -9.07 8.97
C2 D3P E 6 7.24 -9.44 9.43
C3 D3P E 6 7.91 -8.54 10.21
O3 D3P E 6 9.20 -8.84 10.70
C4 D3P E 6 7.33 -7.28 10.46
C5 D3P E 6 6.03 -6.94 10.02
O5 D3P E 6 5.54 -5.73 10.29
C6 D3P E 6 5.36 -7.84 9.23
N D4P E 7 3.45 -10.48 9.71
CA D4P E 7 2.76 -11.20 10.80
C D4P E 7 1.29 -11.41 10.45
O D4P E 7 0.62 -10.51 9.93
C1 D4P E 7 2.95 -10.45 12.10
C2 D4P E 7 2.98 -11.11 13.30
C3 D4P E 7 3.12 -10.35 14.44
C4 D4P E 7 3.31 -8.99 14.43
O4 D4P E 7 3.51 -8.29 15.63
C5 D4P E 7 3.29 -8.34 13.21
C6 D4P E 7 3.09 -9.05 12.03
N D3P E 8 0.81 -12.58 10.87
CA D3P E 8 -0.63 -12.81 10.74
C D3P E 8 -0.94 -14.33 10.67
O D3P E 8 -0.23 -15.13 11.32
C1 D3P E 8 -1.38 -12.25 11.93
C2 D3P E 8 -2.63 -11.66 11.78
C3 D3P E 8 -3.30 -11.14 12.89
O3 D3P E 8 -4.55 -10.57 12.78
C4 D3P E 8 -2.74 -11.19 14.16
C5 D3P E 8 -1.51 -11.80 14.29
O5 D3P E 8 -0.96 -11.90 15.53
C6 D3P E 8 -0.85 -12.33 13.21
N VAL E 9 -2.01 -14.70 10.02
CA VAL E 9 -2.55 -16.07 10.05
C VAL E 9 -2.43 -16.63 8.65
N D3P E 10 -1.75 -17.77 8.56
CA D3P E 10 -1.59 -18.37 7.22
C D3P E 10 -0.51 -19.48 7.28
O D3P E 10 -0.46 -20.23 8.27
C1 D3P E 10 -2.86 -19.03 6.72
C2 D3P E 10 -3.23 -18.84 5.43
C3 D3P E 10 -4.41 -19.42 4.95
O3 D3P E 10 -4.72 -19.26 3.61
C4 D3P E 10 -5.16 -20.24 5.79
C5 D3P E 10 -4.77 -20.44 7.13
O5 D3P E 10 -5.59 -21.22 7.94
C6 D3P E 10 -3.58 -19.81 7.63
N D4P E 11 0.25 -19.59 6.21
CA D4P E 11 1.26 -20.65 6.09
C D4P E 11 2.61 -19.99 5.94
O D4P E 11 2.79 -19.05 5.12
C1 D4P E 11 0.93 -21.62 5.00
C2 D4P E 11 1.89 -22.54 4.65
C3 D4P E 11 1.58 -23.45 3.71
C4 D4P E 11 0.43 -23.50 2.95
O4 D4P E 11 0.29 -24.46 2.01
C5 D4P E 11 -0.58 -22.60 3.31
C6 D4P E 11 -0.29 -21.69 4.32
N PHE E 12 3.59 -20.44 6.71
CA PHE E 12 4.93 -19.85 6.82
C PHE E 12 5.94 -20.93 6.46
N ASP E 13 6.92 -20.57 5.68
CA ASP E 13 7.87 -21.56 5.17
C ASP E 13 9.27 -21.00 5.13
N GHP F 1 3.64 -8.79 -0.15
CA GHP F 1 2.70 -7.69 -0.31
C GHP F 1 1.36 -8.33 -0.36
O GHP F 1 1.14 -9.56 -0.21
C1 GHP F 1 2.97 -6.48 0.62
C2 GHP F 1 3.92 -5.49 0.39
C3 GHP F 1 4.19 -4.38 1.26
C4 GHP F 1 3.42 -4.20 2.42
O4 GHP F 1 3.55 -3.20 3.41
C5 GHP F 1 2.45 -5.17 2.63
C6 GHP F 1 2.24 -6.30 1.82
N D3P F 2 0.34 -7.62 -0.81
CA D3P F 2 -0.99 -8.17 -1.12
C D3P F 2 -2.09 -7.10 -0.83
O D3P F 2 -1.84 -5.87 -0.96
C1 D3P F 2 -1.16 -8.64 -2.53
C2 D3P F 2 -0.41 -8.15 -3.58
C3 D3P F 2 -0.54 -8.58 -4.88
O3 D3P F 2 0.20 -8.05 -5.93
C4 D3P F 2 -1.49 -9.56 -5.26
C5 D3P F 2 -2.26 -10.05 -4.18
O5 D3P F 2 -3.18 -10.93 -4.55
C6 D3P F 2 -2.06 -9.63 -2.87
N VAL F 3 -3.29 -7.51 -0.50
CA VAL F 3 -4.41 -6.59 -0.32
C VAL F 3 -4.58 -6.39 1.18
N D3P F 4 -4.50 -5.16 1.59
CA D3P F 4 -4.74 -4.88 3.00
C D3P F 4 -4.15 -3.46 3.24
O D3P F 4 -4.18 -2.54 2.42
C1 D3P F 4 -6.20 -4.89 3.37
C2 D3P F 4 -7.12 -4.25 2.55
C3 D3P F 4 -8.46 -4.27 2.91
O3 D3P F 4 -9.41 -3.66 2.12
C4 D3P F 4 -8.86 -4.91 4.08
C5 D3P F 4 -7.91 -5.53 4.88
O5 D3P F 4 -8.37 -6.20 5.99
C6 D3P F 4 -6.58 -5.55 4.51
N D4P F 5 -3.58 -3.30 4.41
CA D4P F 5 -2.97 -2.03 4.83
C D4P F 5 -1.46 -2.20 4.94
O D4P F 5 -0.99 -3.24 5.42
C1 D4P F 5 -3.50 -1.53 6.13
C2 D4P F 5 -3.39 -0.18 6.46
C3 D4P F 5 -3.85 0.25 7.66
C4 D4P F 5 -4.49 -0.58 8.55
O4 D4P F 5 -5.00 -0.17 9.73
C5 D4P F 5 -4.59 -1.94 8.27
C6 D4P F 5 -4.15 -2.38 7.03
N D3P F 6 -0.74 -1.16 4.57
CA D3P F 6 0.69 -1.22 4.61
C D3P F 6 1.32 -0.12 3.71
O D3P F 6 0.65 0.90 3.52
C1 D3P F 6 1.33 -0.94 5.95
C2 D3P F 6 0.84 0.13 6.68
C3 D3P F 6 1.42 0.42 7.91
O3 D3P F 6 0.99 1.47 8.69
C4 D3P F 6 2.48 -0.34 8.43
C5 D3P F 6 2.93 -1.46 7.67
O5 D3P F 6 3.97 -2.17 8.19
C6 D3P F 6 2.37 -1.74 6.42
N D4P F 7 2.56 -0.41 3.34
CA D4P F 7 3.31 0.65 2.72
C D4P F 7 4.18 -0.01 1.68
O D4P F 7 4.67 -1.17 1.82
C1 D4P F 7 4.11 1.39 3.76
C2 D4P F 7 4.64 2.63 3.47
C3 D4P F 7 5.34 3.40 4.34
C4 D4P F 7 5.60 2.87 5.58
O4 D4P F 7 6.39 3.63 6.42
C5 D4P F 7 5.10 1.64 5.89
C6 D4P F 7 4.32 0.87 5.01
N D3P F 8 4.36 0.70 0.60
CA D3P F 8 5.26 0.28 -0.47
C D3P F 8 4.65 0.78 -1.82
O D3P F 8 4.21 1.95 -1.84
C1 D3P F 8 6.67 0.82 -0.38
C2 D3P F 8 6.92 1.93 0.39
C3 D3P F 8 8.21 2.43 0.46
O3 D3P F 8 8.48 3.56 1.20
C4 D3P F 8 9.23 1.76 -0.15
C5 D3P F 8 8.95 0.64 -0.98
O5 D3P F 8 10.00 0.14 -1.64
C6 D3P F 8 7.65 0.14 -1.09
N VAL F 9 4.68 -0.09 -2.82
CA VAL F 9 4.36 0.29 -4.22
C VAL F 9 3.11 -0.48 -4.64
N D3P F 10 2.15 0.20 -5.19
CA D3P F 10 0.94 -0.54 -5.64
C D3P F 10 -0.19 0.49 -5.82
O D3P F 10 0.16 1.56 -6.38
C1 D3P F 10 0.98 -1.18 -7.00
C2 D3P F 10 1.66 -0.55 -8.01
C3 D3P F 10 1.67 -1.12 -9.28
O3 D3P F 10 2.42 -0.53 -10.31
C4 D3P F 10 0.99 -2.33 -9.50
C5 D3P F 10 0.30 -2.95 -8.41
O5 D3P F 10 -0.32 -4.17 -8.59
C6 D3P F 10 0.33 -2.40 -7.13
N D4P F 11 -1.41 0.19 -5.46
CA D4P F 11 -2.50 1.11 -5.66
C D4P F 11 -3.15 1.24 -4.28
O D4P F 11 -3.49 0.24 -3.61
C1 D4P F 11 -3.54 0.62 -6.64
C2 D4P F 11 -3.69 -0.69 -6.96
C3 D4P F 11 -4.68 -1.05 -7.88
C4 D4P F 11 -5.51 -0.14 -8.51
O4 D4P F 11 -6.53 -0.50 -9.37
C5 D4P F 11 -5.36 1.17 -8.16
C6 D4P F 11 -4.40 1.51 -7.22
N PHE F 12 -3.39 2.42 -3.81
CA PHE F 12 -3.88 2.48 -2.43
C PHE F 12 -4.43 3.86 -2.27
N ASP F 13 -5.20 3.93 -1.21
CA ASP F 13 -5.72 5.20 -0.80
C ASP F 13 -5.52 5.36 0.72
C1 EOH G . -7.83 28.76 -4.33
C2 EOH G . -8.95 27.96 -3.76
O EOH G . -8.33 29.39 -5.57
C1 EOH H . 1.00 22.65 1.87
C2 EOH H . 2.30 23.08 2.45
O EOH H . 0.52 23.63 0.92
C1 EDO I . -13.48 13.14 -5.07
C1 EDO I . -15.90 16.13 -5.50
O1 EDO I . -13.80 14.23 -4.16
O1 EDO I . -15.12 17.10 -4.77
C2 EDO I . -12.52 13.38 -6.10
C2 EDO I . -15.15 15.77 -6.72
C1 EDO J . -13.82 15.34 -6.71
C1 EDO J . -15.93 14.57 -8.74
O1 EDO J . -12.61 14.56 -6.92
O1 EDO J . -16.20 15.56 -7.72
C2 EDO J . -14.69 15.18 -7.89
C2 EDO J . -14.71 15.03 -9.41
C1 EDO K . -12.96 15.08 -9.63
C1 EDO K . -12.64 14.58 -10.45
O1 EDO K . -13.98 14.38 -8.87
O1 EDO K . -13.88 13.98 -9.92
C2 EDO K . -11.76 14.19 -9.54
C2 EDO K . -11.99 15.11 -9.21
C1 EDO L . -9.86 15.42 -10.39
O1 EDO L . -10.59 14.96 -9.26
C2 EDO L . -9.84 16.89 -10.57
C1 EDO M . -10.39 16.63 -12.86
O1 EDO M . -10.77 17.24 -11.67
C2 EDO M . -10.30 17.17 -14.20
C1 EDO N . -9.64 16.18 -16.31
O1 EDO N . -9.42 16.13 -14.86
C2 EDO N . -8.50 15.44 -16.90
C1 EDO O . 3.70 26.55 0.04
O1 EDO O . 4.45 25.87 1.08
C2 EDO O . 3.60 25.59 -1.08
C1 EDO P . 1.78 24.95 -2.61
O1 EDO P . 2.64 25.98 -2.12
C2 EDO P . 0.84 25.28 -3.69
C1 EDO Q . -0.27 23.94 -5.49
O1 EDO Q . 0.94 24.31 -4.77
C2 EDO Q . -0.58 24.64 -6.73
C1 EDO R . -0.35 24.59 -9.10
O1 EDO R . 0.31 24.25 -7.82
C2 EDO R . -0.24 26.02 -9.23
C1 EDO S . -1.01 28.18 -9.50
O1 EDO S . -1.38 26.78 -9.44
C2 EDO S . -1.92 28.99 -8.71
C1 EDO T . -0.53 29.93 -6.84
O1 EDO T . -1.53 29.01 -7.30
C2 EDO T . 0.00 29.77 -5.52
C1 EDO U . -0.38 29.12 -3.27
O1 EDO U . -1.00 29.73 -4.45
C2 EDO U . -1.41 28.75 -2.31
C1 EDO V . -0.33 27.96 -0.29
O1 EDO V . -1.00 29.10 -0.94
C2 EDO V . -1.26 26.80 -0.46
C1 EOH W . 6.86 14.43 -4.75
C2 EOH W . 7.11 13.13 -5.42
O EOH W . 8.22 14.71 -4.22
C1 EDO X . -6.54 22.25 -17.23
O1 EDO X . -6.16 20.84 -17.38
C2 EDO X . -7.81 22.34 -16.46
C1 EDO Y . -10.00 22.27 -17.52
O1 EDO Y . -8.77 21.54 -17.21
C2 EDO Y . -9.84 23.55 -16.76
C1 EDO Z . -6.13 15.81 -17.35
O1 EDO Z . -7.35 16.41 -16.78
C2 EDO Z . -5.34 16.83 -18.10
C1 EDO AA . -4.54 19.16 -17.89
O1 EDO AA . -5.18 18.03 -17.29
C2 EDO AA . -4.75 20.48 -17.23
C1 EDO BA . 9.50 1.21 -14.28
C1 EDO BA . 10.67 1.88 -13.72
O1 EDO BA . 8.86 1.06 -15.58
O1 EDO BA . 9.88 0.69 -13.58
C2 EDO BA . 10.59 2.19 -14.34
C2 EDO BA . 10.21 2.98 -12.84
C1 EDO CA . 11.13 4.49 -13.90
C1 EDO CA . 11.01 4.77 -14.29
O1 EDO CA . 10.05 3.53 -14.07
O1 EDO CA . 11.22 4.05 -13.05
C2 EDO CA . 10.53 5.86 -13.87
C2 EDO CA . 10.40 6.09 -13.94
C1 EDO DA . 10.78 6.78 -11.62
O1 EDO DA . 9.97 6.01 -12.55
C2 EDO DA . 9.91 7.24 -10.56
C1 EDO EA . 8.85 6.41 -8.43
O1 EDO EA . 9.52 6.10 -9.69
C2 EDO EA . 8.19 5.20 -7.86
C1 EDO FA . 8.64 3.30 -6.41
O1 EDO FA . 9.19 4.50 -7.05
C2 EDO FA . 8.67 2.17 -7.38
C1 EOH GA . 11.79 -22.30 9.35
C1 EOH GA . 12.47 -20.54 8.75
C2 EOH GA . 11.68 -20.84 9.12
C2 EOH GA . 13.01 -21.91 8.96
O EOH GA . 10.81 -23.01 8.52
O EOH GA . 12.56 -19.79 10.01
C1 EDO HA . -2.29 -22.84 -1.39
O1 EDO HA . -3.48 -22.29 -0.73
C2 EDO HA . -1.00 -22.30 -0.95
C1 EDO IA . 1.46 -22.51 -0.78
C1 EDO IA . 1.16 -23.17 -1.47
O1 EDO IA . 0.20 -22.99 -1.31
O1 EDO IA . -0.06 -22.59 -2.07
C2 EDO IA . 1.75 -21.27 -1.55
C2 EDO IA . 1.37 -22.24 -0.31
C1 EDO JA . 2.89 -19.20 -0.64
C1 EDO JA . 2.81 -20.33 -0.77
O1 EDO JA . 2.09 -20.37 -0.49
O1 EDO JA . 1.52 -20.95 -1.04
C2 EDO JA . 2.58 -18.56 -1.95
C2 EDO JA . 3.27 -19.56 -1.93
C1 EDO KA . 3.92 -18.85 -4.09
O1 EDO KA . 3.42 -19.29 -2.83
C2 EDO KA . 5.27 -19.50 -4.18
C1 EDO LA . 12.58 -27.47 9.32
O1 EDO LA . 12.64 -27.97 7.97
C2 EDO LA . 11.35 -26.70 9.51
C1 EDO MA . 12.41 -25.20 7.92
O1 EDO MA . 11.18 -25.61 8.59
C1 EDO NA . -3.77 -26.25 10.09
O1 EDO NA . -4.06 -25.66 11.38
C2 EDO NA . -3.57 -27.69 10.05
C1 EDO OA . -1.72 -29.03 9.25
O1 EDO OA . -2.81 -28.15 8.87
C2 EDO OA . -1.14 -29.92 8.22
C1 EDO PA . -0.58 -32.31 8.81
O1 EDO PA . -0.30 -30.90 8.93
C2 EDO PA . -0.24 -32.99 10.08
C1 EDO QA . -1.10 -32.51 11.14
C1 EDO RA . 13.65 -30.12 7.39
C2 EDO RA . 13.83 -28.65 7.52
C1 EDO SA . -6.34 -24.97 11.58
O1 EDO SA . -6.55 -24.76 13.01
C2 EDO SA . -4.96 -24.52 11.30
C1 EOH TA . -1.48 -6.18 9.03
C1 EOH TA . -0.72 -4.00 9.33
C2 EOH TA . -1.10 -6.96 10.21
C2 EOH TA . 0.29 -4.33 8.29
O EOH TA . -1.03 -4.76 9.05
O EOH TA . -1.12 -2.61 9.18
C1 EDO UA . -3.96 -23.84 4.69
O1 EDO UA . -3.81 -25.32 4.86
C2 EDO UA . -4.58 -23.62 3.37
C1 EDO VA . -4.64 -21.99 1.46
O1 EDO VA . -4.70 -22.29 2.88
C2 EDO VA . -3.50 -22.50 0.71
#